data_8FAM
#
_entry.id   8FAM
#
_cell.length_a   43.924
_cell.length_b   49.422
_cell.length_c   71.706
_cell.angle_alpha   90.00
_cell.angle_beta   106.28
_cell.angle_gamma   90.00
#
_symmetry.space_group_name_H-M   'P 1 21 1'
#
loop_
_entity.id
_entity.type
_entity.pdbx_description
1 polymer Synaptotagmin
2 water water
#
_entity_poly.entity_id   1
_entity_poly.type   'polypeptide(L)'
_entity_poly.pdbx_seq_one_letter_code
;HMVKLGKLQYSMDYDFQKGELTVNVIQAADLPGMDMSGTSDPYVKVYLMPDKKKKFETKVHRKTLNPVFNESFTFKNVPY
ADITGKTLIFAIYDFDRFSKHDQIGQVQVPMNSIDLGSVVEEWRDLTSPDN
;
_entity_poly.pdbx_strand_id   A,B
#
# COMPACT_ATOMS: atom_id res chain seq x y z
N HIS A 1 10.41 -16.89 -12.29
CA HIS A 1 9.00 -16.80 -11.94
C HIS A 1 8.72 -17.30 -10.51
N MET A 2 8.19 -16.41 -9.67
CA MET A 2 7.95 -16.66 -8.27
C MET A 2 6.53 -17.21 -8.08
N VAL A 3 6.38 -18.05 -7.06
CA VAL A 3 5.06 -18.61 -6.77
C VAL A 3 4.14 -17.45 -6.38
N LYS A 4 2.88 -17.56 -6.74
CA LYS A 4 1.88 -16.51 -6.49
C LYS A 4 0.92 -17.02 -5.39
N LEU A 5 1.02 -16.45 -4.22
CA LEU A 5 0.23 -16.89 -3.08
C LEU A 5 -0.81 -15.86 -2.63
N GLY A 6 -0.96 -14.76 -3.37
CA GLY A 6 -1.82 -13.70 -2.94
C GLY A 6 -1.10 -12.62 -2.15
N LYS A 7 -1.89 -11.63 -1.73
CA LYS A 7 -1.38 -10.53 -0.93
C LYS A 7 -2.41 -10.17 0.13
N LEU A 8 -1.93 -9.47 1.17
CA LEU A 8 -2.72 -9.08 2.32
C LEU A 8 -2.61 -7.57 2.52
N GLN A 9 -3.74 -6.95 2.84
CA GLN A 9 -3.81 -5.53 3.13
C GLN A 9 -4.10 -5.37 4.60
N TYR A 10 -3.29 -4.59 5.28
CA TYR A 10 -3.41 -4.34 6.70
C TYR A 10 -3.05 -2.90 6.95
N SER A 11 -3.33 -2.47 8.18
CA SER A 11 -2.87 -1.15 8.63
C SER A 11 -2.63 -1.25 10.14
N MET A 12 -1.91 -0.28 10.68
CA MET A 12 -1.49 -0.31 12.07
C MET A 12 -1.73 1.06 12.69
N ASP A 13 -2.09 1.04 13.98
CA ASP A 13 -2.38 2.24 14.75
C ASP A 13 -1.67 2.05 16.09
N TYR A 14 -0.46 2.60 16.21
CA TYR A 14 0.36 2.46 17.38
C TYR A 14 0.15 3.64 18.32
N ASP A 15 -0.15 3.33 19.58
CA ASP A 15 -0.35 4.35 20.63
C ASP A 15 0.93 4.39 21.46
N PHE A 16 1.79 5.38 21.16
CA PHE A 16 3.09 5.48 21.85
C PHE A 16 2.94 5.76 23.34
N GLN A 17 1.89 6.49 23.75
CA GLN A 17 1.75 6.83 25.16
C GLN A 17 1.31 5.64 25.99
N LYS A 18 0.38 4.82 25.47
CA LYS A 18 -0.14 3.70 26.22
C LYS A 18 0.54 2.39 25.85
N GLY A 19 1.45 2.40 24.88
CA GLY A 19 2.17 1.18 24.54
C GLY A 19 1.25 0.08 24.05
N GLU A 20 0.42 0.41 23.06
CA GLU A 20 -0.59 -0.49 22.55
C GLU A 20 -0.57 -0.43 21.04
N LEU A 21 -0.62 -1.59 20.40
CA LEU A 21 -0.60 -1.69 18.94
C LEU A 21 -1.91 -2.29 18.45
N THR A 22 -2.66 -1.51 17.70
CA THR A 22 -3.87 -1.97 17.04
C THR A 22 -3.56 -2.34 15.60
N VAL A 23 -3.89 -3.58 15.24
CA VAL A 23 -3.63 -4.11 13.91
C VAL A 23 -4.96 -4.30 13.22
N ASN A 24 -5.12 -3.71 12.05
CA ASN A 24 -6.32 -3.85 11.24
C ASN A 24 -6.04 -4.84 10.12
N VAL A 25 -6.70 -6.01 10.16
CA VAL A 25 -6.66 -6.97 9.07
C VAL A 25 -7.80 -6.64 8.12
N ILE A 26 -7.47 -6.08 6.95
CA ILE A 26 -8.51 -5.47 6.11
C ILE A 26 -8.99 -6.52 5.10
N GLN A 27 -8.08 -7.04 4.29
CA GLN A 27 -8.54 -7.96 3.26
C GLN A 27 -7.34 -8.67 2.66
N ALA A 28 -7.64 -9.77 1.95
CA ALA A 28 -6.65 -10.49 1.15
C ALA A 28 -7.13 -10.56 -0.29
N ALA A 29 -6.20 -10.74 -1.20
CA ALA A 29 -6.48 -10.74 -2.62
C ALA A 29 -5.66 -11.85 -3.27
N ASP A 30 -6.29 -12.47 -4.29
CA ASP A 30 -5.62 -13.41 -5.19
C ASP A 30 -5.03 -14.61 -4.45
N LEU A 31 -5.75 -15.07 -3.44
CA LEU A 31 -5.33 -16.27 -2.75
C LEU A 31 -5.46 -17.47 -3.69
N PRO A 32 -4.62 -18.49 -3.51
CA PRO A 32 -4.79 -19.72 -4.30
C PRO A 32 -5.91 -20.59 -3.77
N GLY A 33 -6.52 -21.35 -4.68
CA GLY A 33 -7.55 -22.29 -4.29
C GLY A 33 -6.95 -23.55 -3.66
N MET A 34 -7.33 -23.84 -2.42
CA MET A 34 -6.79 -24.99 -1.72
C MET A 34 -7.66 -26.24 -1.82
N ASP A 35 -8.93 -26.09 -2.16
CA ASP A 35 -9.89 -27.18 -2.16
C ASP A 35 -10.11 -27.69 -3.58
N MET A 36 -10.67 -28.90 -3.67
CA MET A 36 -10.97 -29.50 -4.96
C MET A 36 -11.70 -28.51 -5.87
N SER A 37 -12.67 -27.78 -5.32
CA SER A 37 -13.48 -26.86 -6.10
C SER A 37 -12.71 -25.65 -6.62
N GLY A 38 -11.45 -25.49 -6.22
CA GLY A 38 -10.68 -24.35 -6.66
C GLY A 38 -10.94 -23.11 -5.85
N THR A 39 -11.36 -23.27 -4.60
CA THR A 39 -11.67 -22.16 -3.72
C THR A 39 -11.06 -22.45 -2.35
N SER A 40 -11.18 -21.50 -1.43
CA SER A 40 -10.63 -21.63 -0.10
C SER A 40 -11.60 -21.07 0.92
N ASP A 41 -11.33 -21.37 2.19
CA ASP A 41 -12.10 -20.88 3.33
C ASP A 41 -11.13 -20.16 4.25
N PRO A 42 -10.75 -18.93 3.92
CA PRO A 42 -9.57 -18.33 4.56
C PRO A 42 -9.86 -17.68 5.91
N TYR A 43 -8.85 -17.74 6.77
CA TYR A 43 -8.79 -16.96 7.99
C TYR A 43 -7.32 -16.65 8.30
N VAL A 44 -7.11 -15.69 9.19
CA VAL A 44 -5.79 -15.16 9.48
C VAL A 44 -5.53 -15.28 10.98
N LYS A 45 -4.36 -15.77 11.33
CA LYS A 45 -3.86 -15.70 12.70
C LYS A 45 -2.80 -14.60 12.77
N VAL A 46 -2.84 -13.82 13.85
CA VAL A 46 -1.96 -12.67 14.03
C VAL A 46 -1.30 -12.80 15.38
N TYR A 47 0.02 -12.66 15.42
CA TYR A 47 0.77 -12.70 16.66
C TYR A 47 2.10 -12.01 16.45
N LEU A 48 2.81 -11.80 17.56
CA LEU A 48 4.09 -11.11 17.57
C LEU A 48 5.20 -12.09 17.96
N MET A 49 6.26 -12.15 17.17
CA MET A 49 7.41 -12.93 17.59
C MET A 49 8.38 -12.03 18.33
N PRO A 50 9.14 -12.55 19.32
CA PRO A 50 9.20 -13.95 19.76
C PRO A 50 8.18 -14.31 20.84
N ASP A 51 7.28 -13.40 21.21
CA ASP A 51 6.29 -13.71 22.22
C ASP A 51 5.55 -15.00 21.90
N LYS A 52 4.84 -15.02 20.78
CA LYS A 52 3.95 -16.12 20.39
C LYS A 52 3.26 -16.65 21.65
N LYS A 53 2.55 -15.72 22.31
CA LYS A 53 1.54 -16.07 23.30
C LYS A 53 0.16 -15.62 22.84
N LYS A 54 -0.02 -14.31 22.60
CA LYS A 54 -1.25 -13.77 22.05
C LYS A 54 -1.32 -14.12 20.56
N LYS A 55 -2.26 -15.00 20.20
CA LYS A 55 -2.48 -15.44 18.83
C LYS A 55 -3.93 -15.11 18.51
N PHE A 56 -4.17 -13.89 17.99
CA PHE A 56 -5.49 -13.50 17.51
C PHE A 56 -5.88 -14.30 16.26
N GLU A 57 -7.17 -14.46 16.04
CA GLU A 57 -7.70 -15.13 14.85
C GLU A 57 -8.93 -14.41 14.33
N THR A 58 -8.99 -14.26 13.01
CA THR A 58 -10.16 -13.69 12.37
C THR A 58 -11.26 -14.74 12.25
N LYS A 59 -12.47 -14.29 11.94
CA LYS A 59 -13.52 -15.20 11.51
C LYS A 59 -13.10 -15.92 10.23
N VAL A 60 -13.71 -17.04 9.98
CA VAL A 60 -13.51 -17.83 8.75
C VAL A 60 -14.51 -17.37 7.68
N HIS A 61 -13.97 -16.98 6.54
CA HIS A 61 -14.74 -16.62 5.37
C HIS A 61 -14.84 -17.82 4.44
N ARG A 62 -15.96 -17.95 3.76
CA ARG A 62 -16.31 -19.20 3.09
C ARG A 62 -16.31 -19.02 1.58
N LYS A 63 -15.56 -19.89 0.91
CA LYS A 63 -15.56 -20.04 -0.54
C LYS A 63 -15.22 -18.72 -1.20
N THR A 64 -14.09 -18.15 -0.80
CA THR A 64 -13.62 -16.95 -1.46
C THR A 64 -12.10 -16.90 -1.48
N LEU A 65 -11.54 -16.38 -2.58
CA LEU A 65 -10.12 -16.12 -2.71
C LEU A 65 -9.77 -14.65 -2.52
N ASN A 66 -10.77 -13.81 -2.21
CA ASN A 66 -10.58 -12.39 -2.00
C ASN A 66 -11.40 -11.95 -0.78
N PRO A 67 -11.07 -12.46 0.41
CA PRO A 67 -11.87 -12.16 1.60
C PRO A 67 -11.60 -10.74 2.13
N VAL A 68 -12.67 -10.11 2.57
CA VAL A 68 -12.62 -8.83 3.23
C VAL A 68 -12.91 -9.04 4.70
N PHE A 69 -11.89 -8.92 5.54
CA PHE A 69 -12.01 -9.26 6.96
C PHE A 69 -12.51 -8.09 7.80
N ASN A 70 -11.92 -6.92 7.62
CA ASN A 70 -12.25 -5.72 8.42
C ASN A 70 -12.33 -6.07 9.91
N GLU A 71 -11.27 -6.66 10.44
CA GLU A 71 -11.18 -6.99 11.86
C GLU A 71 -9.97 -6.29 12.48
N SER A 72 -10.11 -5.88 13.73
CA SER A 72 -9.06 -5.16 14.44
C SER A 72 -8.71 -5.90 15.73
N PHE A 73 -7.41 -5.98 16.04
CA PHE A 73 -6.92 -6.57 17.26
C PHE A 73 -5.90 -5.61 17.89
N THR A 74 -5.86 -5.59 19.21
CA THR A 74 -5.00 -4.68 19.96
C THR A 74 -4.06 -5.48 20.84
N PHE A 75 -2.77 -5.37 20.58
CA PHE A 75 -1.73 -5.90 21.44
C PHE A 75 -1.41 -4.87 22.51
N LYS A 76 -1.27 -5.34 23.74
CA LYS A 76 -0.98 -4.50 24.89
C LYS A 76 0.44 -4.76 25.40
N ASN A 77 0.90 -3.84 26.25
CA ASN A 77 2.20 -3.96 26.91
C ASN A 77 3.33 -4.09 25.89
N VAL A 78 3.27 -3.24 24.87
CA VAL A 78 4.32 -3.15 23.87
C VAL A 78 4.82 -1.71 23.80
N PRO A 79 5.49 -1.20 24.84
CA PRO A 79 6.08 0.14 24.75
C PRO A 79 7.17 0.19 23.68
N TYR A 80 7.52 1.41 23.30
CA TYR A 80 8.35 1.61 22.12
C TYR A 80 9.64 0.81 22.20
N ALA A 81 10.30 0.86 23.36
CA ALA A 81 11.55 0.12 23.54
C ALA A 81 11.37 -1.38 23.26
N ASP A 82 10.16 -1.91 23.46
CA ASP A 82 9.92 -3.33 23.33
C ASP A 82 9.43 -3.70 21.92
N ILE A 83 8.61 -2.87 21.30
CA ILE A 83 7.96 -3.27 20.05
C ILE A 83 8.97 -3.34 18.91
N THR A 84 10.03 -2.54 18.95
CA THR A 84 10.93 -2.49 17.79
C THR A 84 11.78 -3.73 17.66
N GLY A 85 11.91 -4.51 18.71
CA GLY A 85 12.60 -5.78 18.65
C GLY A 85 11.75 -6.97 18.21
N LYS A 86 10.46 -6.75 17.95
CA LYS A 86 9.55 -7.84 17.64
C LYS A 86 9.26 -7.91 16.16
N THR A 87 8.64 -9.02 15.74
CA THR A 87 8.24 -9.24 14.36
C THR A 87 6.76 -9.63 14.34
N LEU A 88 5.97 -8.89 13.59
CA LEU A 88 4.55 -9.17 13.44
C LEU A 88 4.36 -10.19 12.30
N ILE A 89 3.58 -11.21 12.59
N ILE A 89 3.52 -11.18 12.54
CA ILE A 89 3.30 -12.30 11.65
CA ILE A 89 3.34 -12.25 11.57
C ILE A 89 1.80 -12.38 11.37
C ILE A 89 1.86 -12.47 11.33
N PHE A 90 1.44 -12.39 10.08
CA PHE A 90 0.10 -12.77 9.63
C PHE A 90 0.25 -14.13 8.97
N ALA A 91 -0.43 -15.14 9.50
CA ALA A 91 -0.43 -16.50 8.94
C ALA A 91 -1.84 -16.79 8.42
N ILE A 92 -1.95 -17.11 7.13
CA ILE A 92 -3.23 -17.27 6.47
C ILE A 92 -3.46 -18.76 6.26
N TYR A 93 -4.63 -19.24 6.66
CA TYR A 93 -4.94 -20.67 6.66
C TYR A 93 -6.23 -20.92 5.88
N ASP A 94 -6.34 -22.13 5.38
CA ASP A 94 -7.58 -22.60 4.75
C ASP A 94 -8.28 -23.49 5.75
N PHE A 95 -9.49 -23.08 6.16
CA PHE A 95 -10.26 -23.86 7.12
C PHE A 95 -10.81 -25.12 6.46
N ASP A 96 -10.89 -26.18 7.26
CA ASP A 96 -11.56 -27.40 6.87
C ASP A 96 -12.21 -27.96 8.13
N ARG A 97 -13.48 -28.39 8.01
CA ARG A 97 -14.24 -28.81 9.19
C ARG A 97 -13.61 -30.03 9.85
N PHE A 98 -13.00 -30.92 9.08
CA PHE A 98 -12.50 -32.18 9.61
C PHE A 98 -10.99 -32.33 9.58
N SER A 99 -10.33 -31.86 8.53
CA SER A 99 -8.90 -32.11 8.35
C SER A 99 -8.05 -31.00 8.99
N LYS A 100 -6.74 -31.19 8.97
CA LYS A 100 -5.82 -30.16 9.40
C LYS A 100 -5.99 -28.94 8.49
N HIS A 101 -5.95 -27.75 9.08
CA HIS A 101 -6.04 -26.53 8.30
C HIS A 101 -4.71 -26.29 7.62
N ASP A 102 -4.70 -26.32 6.28
CA ASP A 102 -3.49 -26.05 5.51
C ASP A 102 -3.13 -24.57 5.57
N GLN A 103 -1.84 -24.30 5.81
CA GLN A 103 -1.37 -22.92 5.73
C GLN A 103 -1.15 -22.54 4.27
N ILE A 104 -1.72 -21.42 3.86
CA ILE A 104 -1.53 -20.93 2.52
C ILE A 104 -0.21 -20.19 2.40
N GLY A 105 0.04 -19.25 3.32
CA GLY A 105 1.24 -18.46 3.29
C GLY A 105 1.29 -17.58 4.51
N GLN A 106 2.22 -16.62 4.48
CA GLN A 106 2.40 -15.78 5.66
C GLN A 106 3.04 -14.46 5.25
N VAL A 107 2.85 -13.46 6.09
CA VAL A 107 3.44 -12.14 5.93
C VAL A 107 4.19 -11.82 7.21
N GLN A 108 5.48 -11.53 7.10
CA GLN A 108 6.34 -11.19 8.24
C GLN A 108 6.72 -9.73 8.15
N VAL A 109 6.47 -8.99 9.22
CA VAL A 109 6.78 -7.55 9.25
C VAL A 109 7.69 -7.24 10.43
N PRO A 110 9.01 -7.17 10.24
CA PRO A 110 9.89 -6.73 11.33
C PRO A 110 9.51 -5.33 11.76
N MET A 111 9.22 -5.17 13.05
CA MET A 111 8.78 -3.88 13.58
C MET A 111 9.86 -2.81 13.49
N ASN A 112 11.11 -3.18 13.26
CA ASN A 112 12.20 -2.21 13.11
C ASN A 112 12.40 -1.77 11.67
N SER A 113 11.58 -2.25 10.75
CA SER A 113 11.76 -1.99 9.32
C SER A 113 10.69 -1.06 8.77
N ILE A 114 9.81 -0.53 9.63
CA ILE A 114 8.70 0.30 9.21
C ILE A 114 8.64 1.56 10.07
N ASP A 115 7.77 2.48 9.66
CA ASP A 115 7.49 3.71 10.39
C ASP A 115 6.25 3.46 11.23
N LEU A 116 6.45 3.28 12.54
CA LEU A 116 5.34 2.98 13.43
C LEU A 116 4.36 4.12 13.52
N GLY A 117 4.74 5.30 13.08
CA GLY A 117 3.84 6.45 13.08
C GLY A 117 2.92 6.56 11.90
N SER A 118 2.92 5.57 11.02
CA SER A 118 2.10 5.59 9.83
C SER A 118 0.82 4.83 10.08
N VAL A 119 -0.32 5.41 9.68
CA VAL A 119 -1.62 4.78 9.87
C VAL A 119 -2.27 4.36 8.56
N VAL A 120 -1.61 4.53 7.42
CA VAL A 120 -2.23 4.22 6.13
C VAL A 120 -2.03 2.74 5.82
N GLU A 121 -2.76 2.24 4.82
CA GLU A 121 -2.78 0.83 4.50
C GLU A 121 -1.52 0.41 3.75
N GLU A 122 -1.17 -0.87 3.88
CA GLU A 122 -0.03 -1.46 3.21
C GLU A 122 -0.46 -2.81 2.65
N TRP A 123 -0.02 -3.13 1.46
CA TRP A 123 -0.16 -4.46 0.86
C TRP A 123 1.20 -5.18 0.93
N ARG A 124 1.16 -6.45 1.32
CA ARG A 124 2.35 -7.30 1.30
C ARG A 124 1.99 -8.62 0.64
N ASP A 125 2.89 -9.08 -0.23
CA ASP A 125 2.76 -10.41 -0.83
C ASP A 125 2.92 -11.49 0.24
N LEU A 126 2.11 -12.54 0.15
CA LEU A 126 2.33 -13.72 0.98
C LEU A 126 3.60 -14.44 0.53
N THR A 127 4.38 -14.93 1.49
CA THR A 127 5.51 -15.81 1.26
C THR A 127 5.17 -17.20 1.75
N SER A 128 6.07 -18.15 1.50
N SER A 128 6.08 -18.14 1.48
CA SER A 128 5.75 -19.55 1.66
CA SER A 128 5.80 -19.56 1.67
C SER A 128 5.51 -19.91 3.11
C SER A 128 5.43 -19.86 3.12
N PRO A 129 4.64 -20.91 3.35
CA PRO A 129 4.33 -21.29 4.74
C PRO A 129 5.54 -21.56 5.60
N ASP A 130 6.43 -22.42 5.14
CA ASP A 130 7.58 -22.85 5.95
C ASP A 130 7.16 -23.17 7.39
N HIS B 1 15.19 8.31 10.72
CA HIS B 1 15.92 9.53 10.40
C HIS B 1 15.74 9.96 8.95
N MET B 2 14.75 9.39 8.29
CA MET B 2 14.48 9.71 6.90
C MET B 2 13.64 10.96 6.79
N VAL B 3 13.84 11.71 5.71
CA VAL B 3 13.01 12.88 5.44
C VAL B 3 11.57 12.45 5.22
N LYS B 4 10.64 13.20 5.78
CA LYS B 4 9.21 12.92 5.68
C LYS B 4 8.55 13.92 4.74
N LEU B 5 8.15 13.45 3.56
CA LEU B 5 7.53 14.31 2.56
C LEU B 5 6.06 13.97 2.30
N GLY B 6 5.47 13.06 3.06
CA GLY B 6 4.10 12.67 2.86
C GLY B 6 3.97 11.43 2.02
N LYS B 7 2.73 11.17 1.61
CA LYS B 7 2.39 9.93 0.92
C LYS B 7 1.33 10.22 -0.12
N LEU B 8 1.32 9.40 -1.18
CA LEU B 8 0.39 9.47 -2.28
C LEU B 8 -0.33 8.14 -2.40
N GLN B 9 -1.64 8.19 -2.56
CA GLN B 9 -2.45 7.01 -2.83
C GLN B 9 -2.93 7.03 -4.28
N TYR B 10 -2.77 5.91 -4.97
CA TYR B 10 -3.09 5.82 -6.37
C TYR B 10 -3.53 4.38 -6.69
N SER B 11 -4.15 4.20 -7.86
CA SER B 11 -4.40 2.89 -8.42
C SER B 11 -4.15 2.92 -9.91
N MET B 12 -3.99 1.74 -10.51
CA MET B 12 -3.69 1.59 -11.92
C MET B 12 -4.61 0.52 -12.51
N ASP B 13 -5.05 0.75 -13.76
CA ASP B 13 -5.95 -0.14 -14.46
C ASP B 13 -5.38 -0.32 -15.87
N TYR B 14 -4.65 -1.40 -16.09
CA TYR B 14 -3.97 -1.63 -17.35
C TYR B 14 -4.84 -2.50 -18.27
N ASP B 15 -5.01 -2.06 -19.52
CA ASP B 15 -5.73 -2.84 -20.52
C ASP B 15 -4.71 -3.47 -21.47
N PHE B 16 -4.43 -4.76 -21.27
CA PHE B 16 -3.43 -5.46 -22.04
C PHE B 16 -3.80 -5.57 -23.51
N GLN B 17 -5.09 -5.63 -23.83
CA GLN B 17 -5.51 -5.80 -25.21
C GLN B 17 -5.44 -4.48 -25.98
N LYS B 18 -5.90 -3.39 -25.37
CA LYS B 18 -5.84 -2.09 -26.03
C LYS B 18 -4.51 -1.38 -25.86
N GLY B 19 -3.67 -1.85 -24.95
CA GLY B 19 -2.43 -1.16 -24.66
C GLY B 19 -2.70 0.20 -24.08
N GLU B 20 -3.55 0.27 -23.07
CA GLU B 20 -3.90 1.54 -22.44
C GLU B 20 -3.77 1.42 -20.92
N LEU B 21 -3.16 2.43 -20.32
CA LEU B 21 -2.96 2.47 -18.88
C LEU B 21 -3.74 3.64 -18.31
N THR B 22 -4.71 3.34 -17.43
CA THR B 22 -5.45 4.35 -16.68
C THR B 22 -4.82 4.47 -15.30
N VAL B 23 -4.52 5.71 -14.90
CA VAL B 23 -3.90 6.02 -13.62
C VAL B 23 -4.89 6.88 -12.82
N ASN B 24 -5.23 6.42 -11.63
CA ASN B 24 -6.11 7.16 -10.73
C ASN B 24 -5.27 7.78 -9.62
N VAL B 25 -5.28 9.12 -9.58
CA VAL B 25 -4.61 9.90 -8.54
C VAL B 25 -5.66 10.23 -7.49
N ILE B 26 -5.60 9.53 -6.34
CA ILE B 26 -6.70 9.57 -5.40
C ILE B 26 -6.49 10.70 -4.42
N GLN B 27 -5.41 10.65 -3.64
CA GLN B 27 -5.22 11.61 -2.57
C GLN B 27 -3.78 11.58 -2.09
N ALA B 28 -3.39 12.64 -1.39
CA ALA B 28 -2.08 12.69 -0.72
C ALA B 28 -2.31 13.02 0.75
N ALA B 29 -1.34 12.67 1.58
CA ALA B 29 -1.45 12.87 3.01
C ALA B 29 -0.13 13.33 3.59
N ASP B 30 -0.22 14.19 4.61
CA ASP B 30 0.95 14.62 5.40
C ASP B 30 2.01 15.29 4.54
N LEU B 31 1.58 16.06 3.54
CA LEU B 31 2.52 16.88 2.79
C LEU B 31 3.14 17.95 3.71
N PRO B 32 4.39 18.32 3.49
CA PRO B 32 4.98 19.41 4.29
C PRO B 32 4.45 20.76 3.82
N GLY B 33 4.44 21.70 4.77
CA GLY B 33 4.07 23.06 4.42
C GLY B 33 5.21 23.73 3.71
N MET B 34 4.91 24.33 2.56
CA MET B 34 5.94 24.97 1.73
C MET B 34 5.92 26.48 1.81
N ASP B 35 4.90 27.07 2.43
N ASP B 35 4.91 27.07 2.45
CA ASP B 35 4.77 28.51 2.59
CA ASP B 35 4.79 28.51 2.59
C ASP B 35 4.99 28.89 4.06
C ASP B 35 4.90 28.90 4.06
N MET B 36 5.08 30.21 4.30
CA MET B 36 5.32 30.67 5.66
C MET B 36 4.11 30.45 6.57
N SER B 37 2.90 30.37 6.00
CA SER B 37 1.72 30.06 6.79
C SER B 37 1.65 28.59 7.18
N GLY B 38 2.57 27.76 6.67
CA GLY B 38 2.57 26.37 7.02
C GLY B 38 1.70 25.49 6.18
N THR B 39 1.26 25.96 5.01
CA THR B 39 0.41 25.18 4.12
C THR B 39 1.03 25.16 2.72
N SER B 40 0.39 24.39 1.84
CA SER B 40 0.79 24.25 0.46
C SER B 40 -0.44 24.33 -0.42
N ASP B 41 -0.20 24.50 -1.72
CA ASP B 41 -1.24 24.48 -2.75
C ASP B 41 -0.91 23.37 -3.72
N PRO B 42 -1.21 22.13 -3.38
CA PRO B 42 -0.64 21.00 -4.14
C PRO B 42 -1.35 20.69 -5.46
N TYR B 43 -0.53 20.23 -6.41
CA TYR B 43 -1.04 19.60 -7.64
C TYR B 43 0.00 18.58 -8.06
N VAL B 44 -0.43 17.65 -8.94
CA VAL B 44 0.38 16.51 -9.32
C VAL B 44 0.56 16.49 -10.84
N LYS B 45 1.81 16.32 -11.29
CA LYS B 45 2.12 16.05 -12.68
C LYS B 45 2.35 14.54 -12.79
N VAL B 46 1.84 13.95 -13.89
CA VAL B 46 1.92 12.51 -14.11
C VAL B 46 2.45 12.28 -15.53
N TYR B 47 3.48 11.44 -15.64
CA TYR B 47 4.05 11.15 -16.95
C TYR B 47 4.88 9.86 -16.86
N LEU B 48 5.31 9.39 -18.03
CA LEU B 48 6.03 8.13 -18.15
C LEU B 48 7.44 8.42 -18.65
N MET B 49 8.43 7.94 -17.93
CA MET B 49 9.81 8.00 -18.39
C MET B 49 10.12 6.76 -19.22
N PRO B 50 11.03 6.86 -20.21
CA PRO B 50 11.82 8.04 -20.60
C PRO B 50 11.06 8.98 -21.51
N ASP B 51 9.83 8.62 -21.89
CA ASP B 51 9.03 9.47 -22.79
C ASP B 51 9.04 10.92 -22.31
N LYS B 52 8.37 11.19 -21.20
CA LYS B 52 8.30 12.54 -20.63
C LYS B 52 7.66 13.50 -21.61
N LYS B 53 6.85 12.98 -22.52
CA LYS B 53 6.22 13.80 -23.55
C LYS B 53 4.80 14.17 -23.12
N LYS B 54 3.89 13.19 -23.11
CA LYS B 54 2.52 13.42 -22.67
C LYS B 54 2.51 13.51 -21.14
N LYS B 55 2.31 14.71 -20.60
CA LYS B 55 2.17 14.95 -19.17
C LYS B 55 0.74 15.34 -18.87
N PHE B 56 0.18 14.78 -17.80
CA PHE B 56 -1.09 15.17 -17.26
C PHE B 56 -0.87 15.96 -15.99
N GLU B 57 -1.81 16.85 -15.65
CA GLU B 57 -1.78 17.62 -14.40
C GLU B 57 -3.15 17.58 -13.73
N THR B 58 -3.15 17.39 -12.43
CA THR B 58 -4.37 17.54 -11.66
C THR B 58 -4.70 19.01 -11.49
N LYS B 59 -5.92 19.28 -11.04
CA LYS B 59 -6.27 20.62 -10.57
C LYS B 59 -5.39 20.99 -9.36
N VAL B 60 -5.36 22.27 -9.07
CA VAL B 60 -4.63 22.80 -7.93
C VAL B 60 -5.59 22.92 -6.75
N HIS B 61 -5.26 22.22 -5.66
CA HIS B 61 -5.95 22.33 -4.39
C HIS B 61 -5.22 23.36 -3.52
N ARG B 62 -5.98 24.12 -2.75
N ARG B 62 -6.00 24.11 -2.75
CA ARG B 62 -5.47 25.32 -2.11
CA ARG B 62 -5.54 25.31 -2.08
C ARG B 62 -5.43 25.16 -0.61
C ARG B 62 -5.41 25.07 -0.59
N LYS B 63 -4.29 25.53 -0.03
CA LYS B 63 -4.09 25.56 1.42
C LYS B 63 -4.51 24.28 2.10
N THR B 64 -3.90 23.18 1.65
CA THR B 64 -4.13 21.89 2.29
C THR B 64 -2.89 21.04 2.18
N LEU B 65 -2.62 20.26 3.24
CA LEU B 65 -1.55 19.27 3.23
C LEU B 65 -2.09 17.86 3.01
N ASN B 66 -3.39 17.74 2.76
CA ASN B 66 -4.05 16.42 2.64
C ASN B 66 -5.08 16.47 1.51
N PRO B 67 -4.65 16.82 0.32
CA PRO B 67 -5.61 17.01 -0.78
C PRO B 67 -6.18 15.69 -1.28
N VAL B 68 -7.47 15.72 -1.60
CA VAL B 68 -8.14 14.61 -2.27
C VAL B 68 -8.36 15.02 -3.73
N PHE B 69 -7.65 14.37 -4.65
CA PHE B 69 -7.70 14.74 -6.06
C PHE B 69 -8.86 14.05 -6.79
N ASN B 70 -8.95 12.74 -6.69
CA ASN B 70 -9.92 11.95 -7.43
C ASN B 70 -9.93 12.32 -8.90
N GLU B 71 -8.78 12.17 -9.55
CA GLU B 71 -8.66 12.39 -10.98
C GLU B 71 -8.05 11.16 -11.65
N SER B 72 -8.48 10.90 -12.89
CA SER B 72 -8.01 9.76 -13.66
C SER B 72 -7.48 10.21 -15.00
N PHE B 73 -6.36 9.64 -15.41
CA PHE B 73 -5.73 9.93 -16.70
C PHE B 73 -5.42 8.62 -17.41
N THR B 74 -5.56 8.63 -18.73
CA THR B 74 -5.34 7.44 -19.54
C THR B 74 -4.20 7.70 -20.51
N PHE B 75 -3.17 6.88 -20.42
CA PHE B 75 -2.09 6.85 -21.38
C PHE B 75 -2.43 5.83 -22.46
N LYS B 76 -2.29 6.23 -23.72
CA LYS B 76 -2.59 5.36 -24.85
C LYS B 76 -1.30 4.88 -25.51
N ASN B 77 -1.45 3.87 -26.37
CA ASN B 77 -0.35 3.32 -27.14
C ASN B 77 0.82 2.93 -26.26
N VAL B 78 0.51 2.14 -25.22
CA VAL B 78 1.52 1.55 -24.36
C VAL B 78 1.29 0.03 -24.31
N PRO B 79 1.56 -0.69 -25.40
CA PRO B 79 1.45 -2.14 -25.35
C PRO B 79 2.44 -2.76 -24.37
N TYR B 80 2.20 -4.03 -24.02
CA TYR B 80 2.92 -4.66 -22.93
C TYR B 80 4.43 -4.56 -23.14
N ALA B 81 4.90 -4.78 -24.37
CA ALA B 81 6.33 -4.72 -24.63
C ALA B 81 6.89 -3.33 -24.39
N ASP B 82 6.06 -2.30 -24.50
CA ASP B 82 6.51 -0.93 -24.33
C ASP B 82 6.43 -0.45 -22.87
N ILE B 83 5.38 -0.85 -22.15
CA ILE B 83 5.13 -0.27 -20.83
C ILE B 83 6.15 -0.78 -19.81
N THR B 84 6.53 -2.05 -19.92
CA THR B 84 7.39 -2.63 -18.89
C THR B 84 8.76 -1.97 -18.85
N GLY B 85 9.17 -1.32 -19.92
CA GLY B 85 10.41 -0.58 -19.92
C GLY B 85 10.35 0.82 -19.34
N LYS B 86 9.16 1.29 -18.98
CA LYS B 86 8.97 2.67 -18.56
C LYS B 86 8.83 2.77 -17.05
N THR B 87 8.93 4.01 -16.57
CA THR B 87 8.79 4.32 -15.15
C THR B 87 7.73 5.41 -15.04
N LEU B 88 6.71 5.16 -14.21
CA LEU B 88 5.64 6.13 -13.99
C LEU B 88 6.07 7.08 -12.89
N ILE B 89 5.97 8.37 -13.16
CA ILE B 89 6.36 9.41 -12.22
C ILE B 89 5.14 10.22 -11.81
N PHE B 90 4.90 10.30 -10.51
CA PHE B 90 4.02 11.30 -9.92
C PHE B 90 4.92 12.35 -9.28
N ALA B 91 4.85 13.58 -9.78
CA ALA B 91 5.64 14.69 -9.23
C ALA B 91 4.65 15.69 -8.62
N ILE B 92 4.82 15.99 -7.32
CA ILE B 92 3.89 16.84 -6.59
C ILE B 92 4.52 18.23 -6.43
N TYR B 93 3.75 19.25 -6.77
CA TYR B 93 4.24 20.62 -6.77
C TYR B 93 3.39 21.50 -5.87
N ASP B 94 4.00 22.58 -5.40
CA ASP B 94 3.32 23.63 -4.66
C ASP B 94 3.08 24.79 -5.63
N PHE B 95 1.79 25.08 -5.90
CA PHE B 95 1.45 26.14 -6.82
C PHE B 95 1.73 27.51 -6.20
N ASP B 96 2.11 28.47 -7.06
CA ASP B 96 2.30 29.85 -6.65
C ASP B 96 1.87 30.75 -7.80
N ARG B 97 1.19 31.86 -7.45
CA ARG B 97 0.61 32.72 -8.47
C ARG B 97 1.67 33.43 -9.31
N PHE B 98 2.85 33.69 -8.73
CA PHE B 98 3.85 34.53 -9.36
C PHE B 98 5.21 33.87 -9.51
N SER B 99 5.66 33.10 -8.52
CA SER B 99 7.00 32.55 -8.52
C SER B 99 7.00 31.17 -9.20
N LYS B 100 8.19 30.60 -9.32
CA LYS B 100 8.30 29.21 -9.77
C LYS B 100 7.62 28.30 -8.77
N HIS B 101 7.05 27.20 -9.30
CA HIS B 101 6.40 26.21 -8.44
C HIS B 101 7.45 25.26 -7.87
N ASP B 102 7.61 25.26 -6.56
CA ASP B 102 8.57 24.37 -5.92
C ASP B 102 8.05 22.94 -5.95
N GLN B 103 8.94 22.01 -6.26
CA GLN B 103 8.59 20.60 -6.17
C GLN B 103 8.65 20.13 -4.72
N ILE B 104 7.58 19.48 -4.25
CA ILE B 104 7.58 18.92 -2.91
C ILE B 104 8.30 17.58 -2.91
N GLY B 105 7.99 16.73 -3.88
CA GLY B 105 8.60 15.41 -3.96
C GLY B 105 7.96 14.64 -5.10
N GLN B 106 8.27 13.36 -5.17
CA GLN B 106 7.79 12.54 -6.28
C GLN B 106 7.72 11.08 -5.85
N VAL B 107 6.88 10.34 -6.55
CA VAL B 107 6.76 8.89 -6.45
C VAL B 107 7.18 8.31 -7.79
N GLN B 108 8.19 7.46 -7.77
CA GLN B 108 8.65 6.76 -8.96
C GLN B 108 8.21 5.32 -8.88
N VAL B 109 7.53 4.84 -9.91
CA VAL B 109 7.06 3.46 -9.98
C VAL B 109 7.60 2.82 -11.26
N PRO B 110 8.70 2.07 -11.19
CA PRO B 110 9.15 1.29 -12.36
C PRO B 110 8.12 0.23 -12.72
N MET B 111 7.67 0.26 -13.98
CA MET B 111 6.60 -0.64 -14.41
C MET B 111 7.04 -2.09 -14.44
N ASN B 112 8.32 -2.39 -14.36
CA ASN B 112 8.78 -3.78 -14.30
C ASN B 112 8.86 -4.32 -12.89
N SER B 113 8.52 -3.51 -11.89
CA SER B 113 8.64 -3.90 -10.50
C SER B 113 7.28 -4.12 -9.83
N ILE B 114 6.19 -4.06 -10.60
CA ILE B 114 4.85 -4.18 -10.07
C ILE B 114 4.07 -5.23 -10.84
N ASP B 115 2.91 -5.59 -10.30
CA ASP B 115 1.97 -6.46 -10.98
C ASP B 115 1.02 -5.57 -11.77
N LEU B 116 1.22 -5.49 -13.10
CA LEU B 116 0.38 -4.65 -13.95
C LEU B 116 -1.06 -5.12 -13.98
N GLY B 117 -1.32 -6.36 -13.61
CA GLY B 117 -2.67 -6.89 -13.56
C GLY B 117 -3.45 -6.57 -12.30
N SER B 118 -2.85 -5.82 -11.37
CA SER B 118 -3.46 -5.52 -10.09
C SER B 118 -4.15 -4.16 -10.19
N VAL B 119 -5.38 -4.08 -9.71
CA VAL B 119 -6.15 -2.84 -9.72
C VAL B 119 -6.37 -2.28 -8.32
N VAL B 120 -5.61 -2.75 -7.35
CA VAL B 120 -5.84 -2.34 -5.97
C VAL B 120 -5.22 -0.97 -5.71
N GLU B 121 -5.70 -0.30 -4.69
CA GLU B 121 -5.16 0.99 -4.30
C GLU B 121 -3.90 0.81 -3.48
N GLU B 122 -2.92 1.67 -3.72
CA GLU B 122 -1.60 1.62 -3.11
C GLU B 122 -1.26 2.99 -2.54
N TRP B 123 -0.61 2.99 -1.38
CA TRP B 123 0.08 4.15 -0.83
C TRP B 123 1.59 4.03 -1.10
N ARG B 124 2.22 5.14 -1.47
CA ARG B 124 3.67 5.20 -1.56
C ARG B 124 4.16 6.48 -0.88
N ASP B 125 5.30 6.40 -0.24
CA ASP B 125 5.95 7.58 0.31
C ASP B 125 6.49 8.45 -0.82
N LEU B 126 6.34 9.75 -0.67
CA LEU B 126 7.06 10.70 -1.52
C LEU B 126 8.55 10.62 -1.23
N THR B 127 9.36 10.70 -2.28
CA THR B 127 10.82 10.75 -2.16
C THR B 127 11.28 12.10 -2.71
N SER B 128 12.59 12.33 -2.62
CA SER B 128 13.12 13.69 -2.78
C SER B 128 12.85 14.24 -4.18
N PRO B 129 12.75 15.56 -4.29
CA PRO B 129 12.60 16.18 -5.62
C PRO B 129 13.80 15.91 -6.51
N ASP B 130 13.57 16.11 -7.81
CA ASP B 130 14.44 15.61 -8.88
C ASP B 130 15.91 15.46 -8.50
#